data_6ON0
#
_entry.id   6ON0
#
_cell.length_a   56.640
_cell.length_b   56.640
_cell.length_c   195.930
_cell.angle_alpha   90.00
_cell.angle_beta   90.00
_cell.angle_gamma   90.00
#
_symmetry.space_group_name_H-M   'P 41 21 2'
#
loop_
_entity.id
_entity.type
_entity.pdbx_description
1 polymer Gp39
2 polymer "DNA (5'-D(*TP*TP*TP*AP*TP*AP*GP*CP*TP*AP*GP*CP*TP*AP*TP*AP*A)-3')"
3 water water
#
loop_
_entity_poly.entity_id
_entity_poly.type
_entity_poly.pdbx_seq_one_letter_code
_entity_poly.pdbx_strand_id
1 'polypeptide(L)' MKPEELVRHFGDVEKAAVGVGVTPGAVYQWLQAGEIPPLRQSDIEVRTAYKLKSDFTSQRMGKEGHNSGTK A,B
2 'polydeoxyribonucleotide' (DT)(DT)(DT)(DA)(DT)(DA)(DG)(DC)(DT)(DA)(DG)(DC)(DT)(DA)(DT)(DA)(DA) C,N
#
loop_
_chem_comp.id
_chem_comp.type
_chem_comp.name
_chem_comp.formula
DA DNA linking 2'-DEOXYADENOSINE-5'-MONOPHOSPHATE 'C10 H14 N5 O6 P'
DC DNA linking 2'-DEOXYCYTIDINE-5'-MONOPHOSPHATE 'C9 H14 N3 O7 P'
DG DNA linking 2'-DEOXYGUANOSINE-5'-MONOPHOSPHATE 'C10 H14 N5 O7 P'
DT DNA linking THYMIDINE-5'-MONOPHOSPHATE 'C10 H15 N2 O8 P'
#
# COMPACT_ATOMS: atom_id res chain seq x y z
N MET A 1 5.67 -7.96 6.19
CA MET A 1 6.43 -7.90 7.44
C MET A 1 5.51 -8.33 8.60
N LYS A 2 6.09 -8.97 9.62
CA LYS A 2 5.41 -9.42 10.86
C LYS A 2 5.27 -8.25 11.84
N PRO A 3 4.25 -8.25 12.73
CA PRO A 3 4.07 -7.13 13.66
C PRO A 3 5.33 -6.90 14.55
N GLU A 4 6.06 -7.97 14.92
CA GLU A 4 7.28 -7.87 15.76
C GLU A 4 8.38 -7.10 14.98
N GLU A 5 8.51 -7.31 13.67
CA GLU A 5 9.52 -6.60 12.84
C GLU A 5 9.14 -5.13 12.82
N LEU A 6 7.85 -4.83 12.71
CA LEU A 6 7.36 -3.43 12.67
C LEU A 6 7.73 -2.76 13.99
N VAL A 7 7.42 -3.40 15.11
CA VAL A 7 7.70 -2.79 16.45
C VAL A 7 9.21 -2.68 16.66
N ARG A 8 9.99 -3.69 16.27
CA ARG A 8 11.47 -3.65 16.46
C ARG A 8 12.00 -2.47 15.64
N HIS A 9 11.47 -2.26 14.43
CA HIS A 9 11.91 -1.16 13.54
C HIS A 9 11.72 0.20 14.21
N PHE A 10 10.57 0.48 14.85
CA PHE A 10 10.27 1.83 15.41
C PHE A 10 10.70 1.90 16.87
N GLY A 11 10.87 0.76 17.52
CA GLY A 11 11.44 0.74 18.87
C GLY A 11 10.45 0.23 19.89
N ASP A 12 9.18 0.64 19.81
CA ASP A 12 8.11 0.18 20.73
C ASP A 12 6.75 0.42 20.05
N VAL A 13 5.68 -0.03 20.69
CA VAL A 13 4.32 0.01 20.06
C VAL A 13 3.92 1.47 19.81
N GLU A 14 4.11 2.35 20.79
CA GLU A 14 3.73 3.77 20.65
C GLU A 14 4.44 4.34 19.42
N LYS A 15 5.74 4.08 19.29
CA LYS A 15 6.54 4.68 18.20
C LYS A 15 6.14 4.05 16.87
N ALA A 16 5.81 2.75 16.86
CA ALA A 16 5.31 2.05 15.66
C ALA A 16 4.02 2.71 15.21
N ALA A 17 3.10 2.93 16.13
CA ALA A 17 1.78 3.54 15.86
C ALA A 17 1.97 4.91 15.23
N VAL A 18 2.78 5.76 15.84
CA VAL A 18 3.09 7.10 15.26
C VAL A 18 3.77 6.93 13.90
N GLY A 19 4.68 5.96 13.79
CA GLY A 19 5.46 5.73 12.56
C GLY A 19 4.55 5.39 11.41
N VAL A 20 3.43 4.70 11.61
CA VAL A 20 2.59 4.27 10.45
C VAL A 20 1.21 4.95 10.44
N GLY A 21 0.92 5.88 11.36
CA GLY A 21 -0.28 6.71 11.31
C GLY A 21 -1.51 6.00 11.85
N VAL A 22 -1.35 5.18 12.89
CA VAL A 22 -2.49 4.51 13.56
C VAL A 22 -2.40 4.74 15.07
N THR A 23 -3.38 4.25 15.80
CA THR A 23 -3.36 4.30 17.27
C THR A 23 -2.60 3.09 17.78
N PRO A 24 -2.01 3.16 18.99
CA PRO A 24 -1.37 1.96 19.55
C PRO A 24 -2.27 0.71 19.58
N GLY A 25 -3.56 0.91 19.83
CA GLY A 25 -4.55 -0.18 19.90
C GLY A 25 -4.63 -0.98 18.59
N ALA A 26 -4.41 -0.37 17.43
CA ALA A 26 -4.35 -1.06 16.12
C ALA A 26 -3.11 -1.97 16.14
N VAL A 27 -2.00 -1.44 16.65
CA VAL A 27 -0.74 -2.21 16.69
C VAL A 27 -0.90 -3.44 17.63
N TYR A 28 -1.54 -3.27 18.79
CA TYR A 28 -1.76 -4.41 19.73
C TYR A 28 -2.62 -5.47 19.04
N GLN A 29 -3.59 -5.05 18.24
CA GLN A 29 -4.45 -6.00 17.48
C GLN A 29 -3.58 -6.83 16.51
N TRP A 30 -2.69 -6.18 15.77
CA TRP A 30 -1.82 -6.87 14.79
C TRP A 30 -0.93 -7.86 15.58
N LEU A 31 -0.33 -7.40 16.68
CA LEU A 31 0.59 -8.28 17.45
C LEU A 31 -0.21 -9.50 17.96
N GLN A 32 -1.41 -9.29 18.48
CA GLN A 32 -2.13 -10.44 19.08
C GLN A 32 -2.59 -11.37 17.97
N ALA A 33 -2.94 -10.84 16.80
CA ALA A 33 -3.41 -11.67 15.67
C ALA A 33 -2.20 -12.39 15.07
N GLY A 34 -1.01 -11.85 15.24
CA GLY A 34 0.21 -12.35 14.60
C GLY A 34 0.33 -11.90 13.16
N GLU A 35 -0.53 -11.00 12.71
CA GLU A 35 -0.44 -10.51 11.33
C GLU A 35 -0.96 -9.07 11.23
N ILE A 36 -0.33 -8.38 10.30
CA ILE A 36 -0.75 -7.04 9.84
C ILE A 36 -1.63 -7.26 8.61
N PRO A 37 -2.79 -6.57 8.56
CA PRO A 37 -3.69 -6.67 7.41
C PRO A 37 -2.99 -6.29 6.11
N PRO A 38 -3.45 -6.87 4.98
CA PRO A 38 -2.70 -6.76 3.73
C PRO A 38 -2.49 -5.33 3.18
N LEU A 39 -3.52 -4.51 3.06
CA LEU A 39 -3.36 -3.12 2.51
C LEU A 39 -2.48 -2.31 3.45
N ARG A 40 -2.58 -2.60 4.74
CA ARG A 40 -1.76 -1.95 5.80
C ARG A 40 -0.28 -2.28 5.57
N GLN A 41 0.05 -3.56 5.33
CA GLN A 41 1.44 -4.01 5.01
C GLN A 41 1.98 -3.18 3.83
N SER A 42 1.19 -2.98 2.78
CA SER A 42 1.59 -2.19 1.59
C SER A 42 1.89 -0.75 2.01
N ASP A 43 1.00 -0.15 2.82
CA ASP A 43 1.15 1.24 3.29
C ASP A 43 2.42 1.40 4.13
N ILE A 44 2.72 0.44 5.00
CA ILE A 44 3.92 0.50 5.87
C ILE A 44 5.19 0.42 4.99
N GLU A 45 5.15 -0.45 3.99
CA GLU A 45 6.25 -0.58 3.02
C GLU A 45 6.50 0.76 2.33
N VAL A 46 5.47 1.38 1.81
CA VAL A 46 5.59 2.68 1.08
C VAL A 46 6.05 3.77 2.07
N ARG A 47 5.45 3.81 3.26
CA ARG A 47 5.67 4.92 4.21
C ARG A 47 7.06 4.80 4.84
N THR A 48 7.66 3.62 4.82
CA THR A 48 9.03 3.42 5.35
C THR A 48 10.04 3.52 4.20
N ALA A 49 9.65 3.99 3.01
CA ALA A 49 10.57 4.09 1.85
C ALA A 49 11.18 2.70 1.59
N TYR A 50 10.37 1.65 1.76
CA TYR A 50 10.70 0.23 1.44
C TYR A 50 11.69 -0.37 2.46
N LYS A 51 11.94 0.29 3.59
CA LYS A 51 12.80 -0.24 4.67
C LYS A 51 12.12 -1.48 5.28
N LEU A 52 10.79 -1.52 5.39
CA LEU A 52 10.05 -2.75 5.77
C LEU A 52 9.32 -3.24 4.54
N LYS A 53 9.37 -4.53 4.30
CA LYS A 53 8.75 -5.19 3.13
C LYS A 53 7.45 -5.88 3.57
N SER A 54 6.37 -5.61 2.86
CA SER A 54 5.14 -6.44 2.87
C SER A 54 5.52 -7.91 2.60
N ASP A 55 4.67 -8.79 3.08
CA ASP A 55 4.73 -10.24 2.74
C ASP A 55 4.68 -10.37 1.21
N PHE A 56 3.83 -9.59 0.53
CA PHE A 56 3.75 -9.65 -0.95
C PHE A 56 5.15 -9.41 -1.58
N THR A 57 5.83 -8.34 -1.16
CA THR A 57 7.16 -7.98 -1.72
C THR A 57 8.19 -9.07 -1.38
N SER A 58 8.25 -9.49 -0.11
CA SER A 58 9.12 -10.57 0.40
C SER A 58 8.97 -11.82 -0.47
N GLN A 59 7.74 -12.24 -0.68
CA GLN A 59 7.41 -13.40 -1.55
C GLN A 59 7.86 -13.11 -2.98
N ARG A 60 7.55 -11.92 -3.51
CA ARG A 60 7.86 -11.64 -4.93
C ARG A 60 9.39 -11.68 -5.13
N MET A 61 10.17 -11.09 -4.22
N MET A 61 10.14 -11.02 -4.24
CA MET A 61 11.65 -11.08 -4.33
CA MET A 61 11.64 -11.05 -4.20
C MET A 61 12.19 -12.50 -4.07
C MET A 61 12.09 -12.52 -4.19
N GLY A 62 11.42 -13.37 -3.40
CA GLY A 62 11.69 -14.81 -3.37
C GLY A 62 11.02 -15.53 -4.54
N MET B 1 -0.51 7.76 -7.72
CA MET B 1 -0.92 7.65 -9.13
C MET B 1 -2.43 7.97 -9.25
N LYS B 2 -2.81 8.47 -10.42
CA LYS B 2 -4.20 8.86 -10.80
C LYS B 2 -4.88 7.64 -11.41
N PRO B 3 -6.21 7.54 -11.27
CA PRO B 3 -6.98 6.41 -11.80
C PRO B 3 -6.73 6.21 -13.31
N GLU B 4 -6.69 7.30 -14.08
N GLU B 4 -6.68 7.34 -14.02
CA GLU B 4 -6.49 7.17 -15.54
CA GLU B 4 -6.44 7.39 -15.48
C GLU B 4 -5.10 6.54 -15.77
C GLU B 4 -5.12 6.67 -15.79
N GLU B 5 -4.08 6.87 -14.96
CA GLU B 5 -2.74 6.26 -15.18
C GLU B 5 -2.85 4.76 -14.91
N LEU B 6 -3.55 4.36 -13.86
CA LEU B 6 -3.79 2.92 -13.59
C LEU B 6 -4.46 2.23 -14.80
N VAL B 7 -5.45 2.87 -15.40
CA VAL B 7 -6.22 2.30 -16.55
C VAL B 7 -5.31 2.19 -17.78
N ARG B 8 -4.46 3.19 -18.03
CA ARG B 8 -3.46 3.17 -19.13
C ARG B 8 -2.54 1.98 -18.87
N HIS B 9 -2.17 1.78 -17.61
CA HIS B 9 -1.10 0.82 -17.26
C HIS B 9 -1.55 -0.60 -17.61
N PHE B 10 -2.79 -0.97 -17.24
CA PHE B 10 -3.32 -2.34 -17.43
C PHE B 10 -4.07 -2.45 -18.77
N GLY B 11 -4.52 -1.33 -19.34
CA GLY B 11 -5.02 -1.28 -20.74
C GLY B 11 -6.50 -0.94 -20.82
N ASP B 12 -7.32 -1.38 -19.85
CA ASP B 12 -8.72 -0.92 -19.71
C ASP B 12 -9.16 -1.11 -18.24
N VAL B 13 -10.41 -0.79 -17.95
CA VAL B 13 -10.94 -0.85 -16.55
C VAL B 13 -10.95 -2.29 -16.03
N GLU B 14 -11.47 -3.25 -16.81
N GLU B 14 -11.46 -3.26 -16.80
CA GLU B 14 -11.58 -4.68 -16.41
CA GLU B 14 -11.58 -4.67 -16.35
C GLU B 14 -10.20 -5.19 -15.99
C GLU B 14 -10.18 -5.20 -15.97
N LYS B 15 -9.18 -4.91 -16.80
CA LYS B 15 -7.81 -5.41 -16.62
C LYS B 15 -7.20 -4.70 -15.43
N ALA B 16 -7.55 -3.43 -15.24
CA ALA B 16 -7.05 -2.66 -14.07
C ALA B 16 -7.66 -3.24 -12.78
N ALA B 17 -8.94 -3.60 -12.77
CA ALA B 17 -9.62 -4.17 -11.58
C ALA B 17 -9.01 -5.54 -11.26
N VAL B 18 -8.78 -6.39 -12.25
CA VAL B 18 -8.07 -7.70 -12.10
C VAL B 18 -6.62 -7.44 -11.63
N GLY B 19 -5.92 -6.49 -12.24
CA GLY B 19 -4.53 -6.17 -11.91
C GLY B 19 -4.33 -5.75 -10.46
N VAL B 20 -5.34 -5.17 -9.82
CA VAL B 20 -5.17 -4.67 -8.42
C VAL B 20 -6.09 -5.37 -7.43
N GLY B 21 -6.96 -6.27 -7.87
CA GLY B 21 -7.73 -7.15 -6.98
C GLY B 21 -8.99 -6.47 -6.48
N VAL B 22 -9.62 -5.65 -7.30
CA VAL B 22 -10.97 -5.10 -6.98
C VAL B 22 -11.97 -5.42 -8.11
N THR B 23 -13.21 -4.96 -7.96
CA THR B 23 -14.25 -5.06 -9.02
C THR B 23 -14.09 -3.87 -9.94
N PRO B 24 -14.56 -3.96 -11.18
CA PRO B 24 -14.58 -2.80 -12.05
C PRO B 24 -15.27 -1.58 -11.43
N GLY B 25 -16.33 -1.81 -10.65
CA GLY B 25 -17.11 -0.75 -10.01
C GLY B 25 -16.21 0.10 -9.11
N ALA B 26 -15.20 -0.49 -8.48
CA ALA B 26 -14.23 0.27 -7.64
C ALA B 26 -13.39 1.20 -8.51
N VAL B 27 -12.92 0.70 -9.67
CA VAL B 27 -12.07 1.52 -10.57
C VAL B 27 -12.91 2.69 -11.15
N TYR B 28 -14.18 2.48 -11.53
CA TYR B 28 -15.06 3.56 -12.06
C TYR B 28 -15.24 4.67 -11.01
N GLN B 29 -15.42 4.27 -9.74
CA GLN B 29 -15.55 5.17 -8.58
C GLN B 29 -14.27 6.01 -8.41
N TRP B 30 -13.09 5.40 -8.57
CA TRP B 30 -11.82 6.18 -8.50
C TRP B 30 -11.77 7.18 -9.66
N LEU B 31 -12.10 6.70 -10.86
CA LEU B 31 -12.10 7.56 -12.07
C LEU B 31 -13.07 8.72 -11.87
N GLN B 32 -14.27 8.46 -11.37
CA GLN B 32 -15.30 9.52 -11.20
C GLN B 32 -14.79 10.54 -10.14
N ALA B 33 -14.17 10.06 -9.05
CA ALA B 33 -13.63 10.94 -7.97
C ALA B 33 -12.35 11.65 -8.44
N GLY B 34 -11.67 11.17 -9.49
CA GLY B 34 -10.35 11.68 -9.92
C GLY B 34 -9.25 11.33 -8.92
N GLU B 35 -9.44 10.30 -8.10
CA GLU B 35 -8.52 10.01 -6.98
C GLU B 35 -8.68 8.55 -6.55
N ILE B 36 -7.55 7.88 -6.32
CA ILE B 36 -7.49 6.55 -5.67
C ILE B 36 -7.30 6.75 -4.17
N PRO B 37 -8.09 6.08 -3.29
CA PRO B 37 -7.87 6.24 -1.84
C PRO B 37 -6.44 5.86 -1.43
N PRO B 38 -5.96 6.41 -0.30
CA PRO B 38 -4.52 6.36 -0.03
C PRO B 38 -3.95 4.96 0.26
N LEU B 39 -4.59 4.13 1.08
CA LEU B 39 -3.99 2.79 1.35
C LEU B 39 -4.01 2.01 0.05
N ARG B 40 -5.03 2.27 -0.77
CA ARG B 40 -5.18 1.57 -2.05
C ARG B 40 -3.98 1.94 -2.92
N GLN B 41 -3.57 3.21 -2.96
CA GLN B 41 -2.42 3.66 -3.80
C GLN B 41 -1.16 2.93 -3.37
N SER B 42 -0.96 2.78 -2.06
CA SER B 42 0.19 2.01 -1.53
C SER B 42 0.10 0.58 -2.01
N ASP B 43 -1.06 -0.03 -1.93
CA ASP B 43 -1.23 -1.43 -2.35
C ASP B 43 -0.98 -1.59 -3.86
N ILE B 44 -1.43 -0.65 -4.65
CA ILE B 44 -1.19 -0.68 -6.12
C ILE B 44 0.31 -0.55 -6.40
N GLU B 45 0.95 0.38 -5.72
CA GLU B 45 2.40 0.61 -5.89
C GLU B 45 3.13 -0.70 -5.56
N VAL B 46 2.78 -1.34 -4.44
CA VAL B 46 3.40 -2.64 -4.03
C VAL B 46 3.08 -3.74 -5.07
N ARG B 47 1.79 -3.91 -5.42
CA ARG B 47 1.33 -5.07 -6.22
C ARG B 47 1.88 -4.94 -7.66
N THR B 48 2.20 -3.72 -8.13
CA THR B 48 2.79 -3.48 -9.48
C THR B 48 4.32 -3.40 -9.42
N ALA B 49 4.94 -3.78 -8.28
CA ALA B 49 6.39 -3.72 -8.06
C ALA B 49 6.88 -2.31 -8.36
N TYR B 50 6.14 -1.31 -7.89
CA TYR B 50 6.47 0.13 -7.96
C TYR B 50 6.46 0.63 -9.41
N LYS B 51 5.87 -0.08 -10.35
CA LYS B 51 5.76 0.49 -11.73
C LYS B 51 4.79 1.68 -11.65
N LEU B 52 3.72 1.56 -10.84
CA LEU B 52 2.86 2.73 -10.50
C LEU B 52 3.29 3.23 -9.11
N LYS B 53 3.41 4.55 -8.95
CA LYS B 53 3.81 5.17 -7.66
C LYS B 53 2.64 5.88 -7.02
N SER B 54 2.47 5.70 -5.72
CA SER B 54 1.49 6.45 -4.91
C SER B 54 1.86 7.93 -4.99
N ASP B 55 0.89 8.79 -4.73
CA ASP B 55 1.10 10.24 -4.52
C ASP B 55 2.11 10.38 -3.38
N PHE B 56 2.07 9.52 -2.36
CA PHE B 56 2.96 9.61 -1.18
C PHE B 56 4.41 9.52 -1.68
N THR B 57 4.71 8.52 -2.50
CA THR B 57 6.06 8.26 -2.98
C THR B 57 6.51 9.39 -3.91
N SER B 58 5.67 9.80 -4.87
CA SER B 58 6.02 10.89 -5.83
C SER B 58 6.35 12.16 -5.04
N GLN B 59 5.55 12.50 -4.03
CA GLN B 59 5.76 13.70 -3.19
C GLN B 59 7.09 13.55 -2.46
N ARG B 60 7.29 12.39 -1.81
CA ARG B 60 8.50 12.10 -1.01
C ARG B 60 9.78 12.26 -1.87
N MET B 61 9.74 11.81 -3.12
CA MET B 61 10.87 11.80 -4.06
C MET B 61 11.06 13.19 -4.73
N GLY B 62 10.22 14.17 -4.36
CA GLY B 62 10.27 15.59 -4.80
C GLY B 62 9.62 15.84 -6.16
N LYS B 63 8.67 14.96 -6.52
CA LYS B 63 7.80 14.96 -7.75
CA LYS B 63 7.81 14.96 -7.74
C LYS B 63 8.55 14.23 -8.86
#